data_7HSG
#
_entry.id   7HSG
#
_cell.length_a   98.601
_cell.length_b   98.710
_cell.length_c   128.148
_cell.angle_alpha   90.00
_cell.angle_beta   90.00
_cell.angle_gamma   90.00
#
_symmetry.space_group_name_H-M   'I 2 2 2'
#
loop_
_entity.id
_entity.type
_entity.pdbx_description
1 polymer 'Oleoyl-acyl carrier protein thioesterase 1, chloroplastic'
2 non-polymer 1-(2-hydroxyethyl)-1H-pyrazole-4-carboxamide
3 non-polymer 'SULFATE ION'
4 water water
#
_entity_poly.entity_id   1
_entity_poly.type   'polypeptide(L)'
_entity_poly.pdbx_seq_one_letter_code
;MGSLTEDGLSYKEKFVVRSYEVGSNKTATVETIANLLQEVGCNHAQSVGFSTDGFATTTTMRKLHLIWVTARMHIEIYKY
PAWGDVVEIETWCQSEGRIGTRRDWILKDSVTGEVTGRATSKWVMMNQDTRRLQKVSDDVRDEYLVFCPQEPRLAFPEEN
NRSLKKIPKLEDPAQYSMIGLKPRRADLDMNQHVNNVTYIGWVLESIPQEIVDTHELQVITLDYRRECQQDDVVDSLTTT
TSEIGGTNGSATSGTQGHNDSQFLHLLRLSGDGQEINRGTTLWRKKPSSHHHHHH
;
_entity_poly.pdbx_strand_id   A,B
#
loop_
_chem_comp.id
_chem_comp.type
_chem_comp.name
_chem_comp.formula
SO4 non-polymer 'SULFATE ION' 'O4 S -2'
W17 non-polymer 1-(2-hydroxyethyl)-1H-pyrazole-4-carboxamide 'C6 H9 N3 O2'
#
# COMPACT_ATOMS: atom_id res chain seq x y z
N GLY A 2 -15.87 11.21 -5.30
CA GLY A 2 -16.21 11.55 -3.93
C GLY A 2 -16.94 12.86 -3.81
N SER A 3 -17.91 12.94 -2.89
CA SER A 3 -18.67 14.16 -2.71
C SER A 3 -19.38 14.20 -1.36
N LEU A 4 -19.58 15.42 -0.85
CA LEU A 4 -20.37 15.64 0.37
C LEU A 4 -21.83 15.29 0.02
N THR A 5 -22.58 14.78 0.99
CA THR A 5 -24.00 14.46 0.79
C THR A 5 -24.83 15.77 0.67
N GLU A 6 -26.15 15.64 0.41
CA GLU A 6 -27.02 16.80 0.23
C GLU A 6 -26.95 17.82 1.37
N ASP A 7 -27.03 17.37 2.64
CA ASP A 7 -26.99 18.30 3.77
C ASP A 7 -25.58 18.85 4.08
N GLY A 8 -24.52 18.28 3.49
CA GLY A 8 -23.16 18.72 3.72
C GLY A 8 -22.58 18.30 5.06
N LEU A 9 -23.27 17.36 5.76
CA LEU A 9 -22.83 16.87 7.08
C LEU A 9 -22.15 15.48 7.04
N SER A 10 -21.95 14.91 5.83
CA SER A 10 -21.23 13.64 5.64
C SER A 10 -20.65 13.56 4.21
N TYR A 11 -19.80 12.57 3.94
CA TYR A 11 -19.10 12.48 2.67
C TYR A 11 -19.11 11.05 2.16
N LYS A 12 -19.33 10.85 0.85
CA LYS A 12 -19.33 9.51 0.27
C LYS A 12 -18.32 9.38 -0.82
N GLU A 13 -17.73 8.19 -0.97
CA GLU A 13 -16.79 7.93 -2.05
C GLU A 13 -16.82 6.45 -2.45
N LYS A 14 -16.69 6.20 -3.75
CA LYS A 14 -16.67 4.84 -4.28
C LYS A 14 -15.25 4.43 -4.62
N PHE A 15 -14.92 3.16 -4.37
CA PHE A 15 -13.59 2.62 -4.67
C PHE A 15 -13.74 1.28 -5.38
N VAL A 16 -12.88 1.02 -6.35
CA VAL A 16 -12.86 -0.25 -7.06
C VAL A 16 -11.68 -1.01 -6.43
N VAL A 17 -11.93 -2.18 -5.84
CA VAL A 17 -10.87 -2.99 -5.19
C VAL A 17 -9.77 -3.44 -6.21
N ARG A 18 -8.49 -3.09 -5.92
CA ARG A 18 -7.34 -3.39 -6.79
C ARG A 18 -6.73 -4.77 -6.60
N SER A 19 -6.03 -5.29 -7.64
CA SER A 19 -5.36 -6.61 -7.60
C SER A 19 -4.38 -6.77 -6.44
N TYR A 20 -3.50 -5.76 -6.18
CA TYR A 20 -2.53 -5.86 -5.07
C TYR A 20 -3.14 -5.57 -3.68
N GLU A 21 -4.42 -5.20 -3.63
CA GLU A 21 -5.12 -4.89 -2.38
C GLU A 21 -5.76 -6.12 -1.72
N VAL A 22 -5.78 -7.28 -2.40
CA VAL A 22 -6.47 -8.46 -1.90
C VAL A 22 -5.53 -9.55 -1.40
N GLY A 23 -6.03 -10.37 -0.47
CA GLY A 23 -5.33 -11.53 0.08
C GLY A 23 -5.62 -12.85 -0.63
N SER A 24 -5.36 -13.98 0.05
N SER A 24 -5.35 -13.99 0.05
N SER A 24 -5.36 -13.98 0.05
CA SER A 24 -5.54 -15.34 -0.48
CA SER A 24 -5.52 -15.34 -0.50
CA SER A 24 -5.54 -15.34 -0.48
C SER A 24 -6.94 -15.67 -0.99
C SER A 24 -6.95 -15.68 -0.98
C SER A 24 -6.94 -15.67 -0.99
N ASN A 25 -7.96 -15.10 -0.35
CA ASN A 25 -9.35 -15.34 -0.75
C ASN A 25 -9.85 -14.40 -1.88
N LYS A 26 -8.94 -13.62 -2.51
CA LYS A 26 -9.31 -12.68 -3.56
C LYS A 26 -10.27 -11.58 -3.06
N THR A 27 -10.22 -11.28 -1.75
CA THR A 27 -11.00 -10.18 -1.15
C THR A 27 -10.03 -9.24 -0.42
N ALA A 28 -10.42 -7.96 -0.29
CA ALA A 28 -9.63 -6.90 0.33
C ALA A 28 -9.19 -7.27 1.74
N THR A 29 -7.92 -7.00 2.07
CA THR A 29 -7.42 -7.24 3.42
C THR A 29 -7.99 -6.18 4.37
N VAL A 30 -7.91 -6.41 5.70
CA VAL A 30 -8.37 -5.38 6.65
C VAL A 30 -7.49 -4.11 6.54
N GLU A 31 -6.22 -4.24 6.11
CA GLU A 31 -5.34 -3.09 5.92
C GLU A 31 -5.75 -2.26 4.73
N THR A 32 -6.26 -2.91 3.65
CA THR A 32 -6.75 -2.17 2.50
C THR A 32 -7.99 -1.38 2.92
N ILE A 33 -8.89 -2.01 3.68
CA ILE A 33 -10.10 -1.36 4.19
C ILE A 33 -9.72 -0.14 5.04
N ALA A 34 -8.76 -0.33 5.98
CA ALA A 34 -8.29 0.75 6.84
C ALA A 34 -7.66 1.90 6.04
N ASN A 35 -6.93 1.59 4.93
CA ASN A 35 -6.36 2.63 4.05
C ASN A 35 -7.49 3.43 3.37
N LEU A 36 -8.52 2.74 2.87
CA LEU A 36 -9.68 3.37 2.24
C LEU A 36 -10.44 4.26 3.22
N LEU A 37 -10.54 3.83 4.48
CA LEU A 37 -11.16 4.66 5.53
C LEU A 37 -10.35 5.96 5.70
N GLN A 38 -9.02 5.88 5.78
CA GLN A 38 -8.15 7.05 5.93
C GLN A 38 -8.32 7.98 4.75
N GLU A 39 -8.33 7.43 3.51
CA GLU A 39 -8.47 8.20 2.27
C GLU A 39 -9.80 8.98 2.21
N VAL A 40 -10.93 8.32 2.52
CA VAL A 40 -12.23 9.01 2.50
C VAL A 40 -12.28 10.07 3.62
N GLY A 41 -11.62 9.82 4.76
CA GLY A 41 -11.54 10.78 5.86
C GLY A 41 -10.79 12.02 5.40
N CYS A 42 -9.67 11.84 4.70
N CYS A 42 -9.69 11.83 4.69
N CYS A 42 -9.67 11.84 4.70
CA CYS A 42 -8.85 12.92 4.16
CA CYS A 42 -8.86 12.90 4.17
CA CYS A 42 -8.85 12.92 4.16
C CYS A 42 -9.61 13.72 3.11
C CYS A 42 -9.61 13.71 3.12
C CYS A 42 -9.61 13.72 3.11
N ASN A 43 -10.38 13.04 2.25
CA ASN A 43 -11.17 13.72 1.20
C ASN A 43 -12.35 14.52 1.83
N HIS A 44 -12.92 14.01 2.93
CA HIS A 44 -13.96 14.72 3.65
C HIS A 44 -13.36 16.05 4.24
N ALA A 45 -12.22 15.96 4.96
CA ALA A 45 -11.53 17.09 5.55
C ALA A 45 -11.20 18.17 4.49
N GLN A 46 -10.72 17.75 3.31
CA GLN A 46 -10.40 18.66 2.22
C GLN A 46 -11.64 19.37 1.68
N SER A 47 -12.74 18.64 1.50
N SER A 47 -12.75 18.64 1.48
N SER A 47 -12.74 18.64 1.50
CA SER A 47 -13.99 19.17 0.94
CA SER A 47 -13.98 19.22 0.93
CA SER A 47 -13.99 19.17 0.94
C SER A 47 -14.62 20.27 1.80
C SER A 47 -14.59 20.31 1.80
C SER A 47 -14.62 20.27 1.80
N VAL A 48 -14.37 20.24 3.12
CA VAL A 48 -14.93 21.24 4.02
C VAL A 48 -13.89 22.28 4.52
N GLY A 49 -12.83 22.49 3.74
CA GLY A 49 -11.84 23.51 4.03
C GLY A 49 -10.72 23.25 5.03
N PHE A 50 -10.35 21.99 5.31
CA PHE A 50 -9.25 21.71 6.23
C PHE A 50 -7.93 21.40 5.49
N SER A 51 -6.81 21.26 6.26
CA SER A 51 -5.48 20.87 5.77
C SER A 51 -4.45 20.90 6.92
N ALA A 56 -6.34 17.20 9.66
CA ALA A 56 -7.46 18.11 9.49
C ALA A 56 -7.40 19.26 10.52
N THR A 57 -6.34 20.08 10.46
CA THR A 57 -6.20 21.19 11.39
C THR A 57 -7.08 22.36 11.05
N THR A 58 -7.78 22.86 12.05
CA THR A 58 -8.63 24.04 11.91
C THR A 58 -7.72 25.31 11.98
N THR A 59 -8.32 26.50 11.88
CA THR A 59 -7.57 27.75 11.93
C THR A 59 -6.94 27.94 13.32
N THR A 60 -7.72 27.69 14.38
CA THR A 60 -7.24 27.81 15.77
C THR A 60 -6.18 26.76 16.13
N MET A 61 -6.21 25.58 15.47
N MET A 61 -6.22 25.58 15.48
N MET A 61 -6.21 25.58 15.47
CA MET A 61 -5.25 24.52 15.76
CA MET A 61 -5.26 24.52 15.76
CA MET A 61 -5.25 24.52 15.76
C MET A 61 -3.86 24.88 15.22
C MET A 61 -3.87 24.89 15.22
C MET A 61 -3.86 24.88 15.22
N ARG A 62 -3.80 25.44 14.01
CA ARG A 62 -2.52 25.83 13.41
C ARG A 62 -1.85 26.98 14.18
N LYS A 63 -2.67 27.89 14.72
CA LYS A 63 -2.23 29.04 15.52
C LYS A 63 -1.58 28.56 16.84
N LEU A 64 -2.15 27.53 17.46
CA LEU A 64 -1.63 27.00 18.72
C LEU A 64 -0.74 25.74 18.56
N HIS A 65 -0.33 25.40 17.33
CA HIS A 65 0.49 24.21 17.04
C HIS A 65 -0.10 22.90 17.60
N LEU A 66 -1.40 22.70 17.39
CA LEU A 66 -2.13 21.53 17.83
C LEU A 66 -2.53 20.65 16.65
N ILE A 67 -2.55 19.32 16.87
CA ILE A 67 -2.96 18.33 15.88
C ILE A 67 -3.93 17.30 16.51
N TRP A 68 -4.70 16.59 15.66
CA TRP A 68 -5.55 15.47 16.05
C TRP A 68 -4.72 14.20 15.92
N VAL A 69 -4.75 13.33 16.94
CA VAL A 69 -4.04 12.05 16.93
C VAL A 69 -5.02 10.92 17.27
N THR A 70 -4.87 9.75 16.60
CA THR A 70 -5.78 8.62 16.88
C THR A 70 -5.49 8.02 18.25
N ALA A 71 -6.53 7.85 19.06
CA ALA A 71 -6.45 7.19 20.35
C ALA A 71 -6.95 5.73 20.22
N ARG A 72 -7.99 5.52 19.41
CA ARG A 72 -8.57 4.20 19.22
C ARG A 72 -9.20 4.09 17.83
N MET A 73 -9.12 2.89 17.25
CA MET A 73 -9.71 2.53 15.97
C MET A 73 -10.50 1.20 16.20
N HIS A 74 -11.73 1.12 15.70
CA HIS A 74 -12.56 -0.08 15.84
C HIS A 74 -13.22 -0.40 14.49
N ILE A 75 -12.97 -1.59 13.94
CA ILE A 75 -13.53 -1.98 12.65
C ILE A 75 -14.26 -3.33 12.75
N GLU A 76 -15.47 -3.41 12.15
CA GLU A 76 -16.24 -4.65 12.04
C GLU A 76 -16.58 -4.90 10.58
N ILE A 77 -16.17 -6.05 10.04
CA ILE A 77 -16.44 -6.42 8.66
C ILE A 77 -17.35 -7.63 8.59
N TYR A 78 -18.47 -7.53 7.82
CA TYR A 78 -19.42 -8.62 7.58
C TYR A 78 -19.03 -9.34 6.27
N LYS A 79 -18.65 -8.59 5.23
CA LYS A 79 -18.20 -9.14 3.95
C LYS A 79 -17.04 -8.28 3.42
N TYR A 80 -15.89 -8.90 3.12
CA TYR A 80 -14.77 -8.16 2.52
C TYR A 80 -15.04 -8.11 1.01
N PRO A 81 -14.92 -6.94 0.38
CA PRO A 81 -15.20 -6.85 -1.05
C PRO A 81 -14.18 -7.61 -1.91
N ALA A 82 -14.65 -8.25 -2.97
CA ALA A 82 -13.79 -8.99 -3.88
C ALA A 82 -13.02 -8.04 -4.81
N TRP A 83 -11.90 -8.54 -5.36
CA TRP A 83 -11.07 -7.87 -6.35
C TRP A 83 -11.96 -7.47 -7.56
N GLY A 84 -12.00 -6.18 -7.87
CA GLY A 84 -12.84 -5.68 -8.95
C GLY A 84 -14.20 -5.16 -8.50
N ASP A 85 -14.60 -5.45 -7.24
CA ASP A 85 -15.87 -4.96 -6.71
C ASP A 85 -15.80 -3.46 -6.41
N VAL A 86 -16.97 -2.81 -6.41
CA VAL A 86 -17.05 -1.39 -6.08
C VAL A 86 -17.65 -1.28 -4.69
N VAL A 87 -16.93 -0.64 -3.75
CA VAL A 87 -17.41 -0.43 -2.39
C VAL A 87 -17.70 1.08 -2.18
N GLU A 88 -18.81 1.42 -1.50
CA GLU A 88 -19.11 2.82 -1.20
C GLU A 88 -18.93 3.06 0.28
N ILE A 89 -18.17 4.09 0.64
CA ILE A 89 -17.93 4.40 2.04
C ILE A 89 -18.47 5.79 2.38
N GLU A 90 -19.30 5.87 3.42
CA GLU A 90 -19.81 7.14 3.92
C GLU A 90 -19.09 7.45 5.25
N THR A 91 -18.63 8.69 5.45
CA THR A 91 -17.95 9.07 6.67
C THR A 91 -18.50 10.39 7.22
N TRP A 92 -18.41 10.56 8.52
CA TRP A 92 -18.84 11.80 9.19
C TRP A 92 -18.07 11.97 10.50
N CYS A 93 -18.02 13.20 11.01
N CYS A 93 -18.03 13.20 11.02
N CYS A 93 -18.02 13.20 11.01
CA CYS A 93 -17.31 13.46 12.27
CA CYS A 93 -17.35 13.48 12.28
CA CYS A 93 -17.31 13.46 12.27
C CYS A 93 -18.25 14.05 13.32
C CYS A 93 -18.33 13.96 13.33
C CYS A 93 -18.25 14.05 13.32
N GLN A 94 -17.95 13.81 14.59
CA GLN A 94 -18.77 14.31 15.69
C GLN A 94 -17.83 14.80 16.79
N SER A 95 -18.25 15.85 17.47
CA SER A 95 -17.52 16.38 18.61
C SER A 95 -17.95 15.57 19.85
N GLU A 96 -17.00 15.23 20.73
CA GLU A 96 -17.35 14.54 21.97
C GLU A 96 -16.98 15.41 23.16
N GLY A 97 -17.53 16.62 23.20
CA GLY A 97 -17.24 17.59 24.25
C GLY A 97 -15.77 17.98 24.26
N ARG A 98 -15.18 18.05 25.45
CA ARG A 98 -13.77 18.38 25.61
C ARG A 98 -12.84 17.17 25.54
N ILE A 99 -13.37 15.95 25.44
CA ILE A 99 -12.53 14.75 25.39
C ILE A 99 -11.76 14.70 24.06
N GLY A 100 -12.47 14.97 22.97
CA GLY A 100 -11.90 14.93 21.63
C GLY A 100 -12.98 14.87 20.57
N THR A 101 -12.67 14.26 19.44
CA THR A 101 -13.58 14.06 18.33
C THR A 101 -13.70 12.56 17.95
N ARG A 102 -14.65 12.25 17.10
CA ARG A 102 -14.89 10.89 16.65
C ARG A 102 -15.14 10.90 15.14
N ARG A 103 -14.57 9.93 14.39
CA ARG A 103 -14.90 9.82 12.97
C ARG A 103 -15.51 8.45 12.78
N ASP A 104 -16.69 8.38 12.15
CA ASP A 104 -17.37 7.12 11.90
C ASP A 104 -17.46 6.79 10.41
N TRP A 105 -17.56 5.51 10.07
CA TRP A 105 -17.68 5.09 8.68
C TRP A 105 -18.71 3.99 8.53
N ILE A 106 -19.33 3.92 7.33
CA ILE A 106 -20.23 2.85 6.94
C ILE A 106 -19.75 2.39 5.57
N LEU A 107 -19.55 1.08 5.39
CA LEU A 107 -19.11 0.52 4.12
C LEU A 107 -20.28 -0.24 3.52
N LYS A 108 -20.56 -0.04 2.24
CA LYS A 108 -21.65 -0.73 1.55
C LYS A 108 -21.20 -1.32 0.22
N ASP A 109 -21.86 -2.39 -0.22
CA ASP A 109 -21.61 -2.96 -1.54
C ASP A 109 -22.38 -2.01 -2.48
N SER A 110 -21.69 -1.40 -3.45
CA SER A 110 -22.32 -0.44 -4.34
C SER A 110 -23.43 -1.07 -5.23
N VAL A 111 -23.30 -2.36 -5.56
CA VAL A 111 -24.29 -3.03 -6.39
C VAL A 111 -25.51 -3.46 -5.58
N THR A 112 -25.30 -4.08 -4.41
CA THR A 112 -26.45 -4.57 -3.61
C THR A 112 -27.02 -3.52 -2.64
N GLY A 113 -26.24 -2.52 -2.28
CA GLY A 113 -26.67 -1.48 -1.35
C GLY A 113 -26.66 -1.90 0.12
N GLU A 114 -26.22 -3.14 0.40
CA GLU A 114 -26.17 -3.64 1.76
C GLU A 114 -24.90 -3.22 2.51
N VAL A 115 -25.06 -2.98 3.81
CA VAL A 115 -23.94 -2.65 4.69
C VAL A 115 -23.03 -3.87 4.83
N THR A 116 -21.78 -3.74 4.43
CA THR A 116 -20.81 -4.84 4.54
C THR A 116 -19.73 -4.59 5.62
N GLY A 117 -19.76 -3.41 6.24
CA GLY A 117 -18.83 -3.08 7.30
C GLY A 117 -19.11 -1.77 7.97
N ARG A 118 -18.52 -1.55 9.14
CA ARG A 118 -18.64 -0.29 9.86
C ARG A 118 -17.41 -0.05 10.73
N ALA A 119 -17.09 1.21 10.96
CA ALA A 119 -15.92 1.57 11.74
C ALA A 119 -16.13 2.86 12.53
N THR A 120 -15.36 3.00 13.61
CA THR A 120 -15.42 4.17 14.48
C THR A 120 -14.02 4.42 15.02
N SER A 121 -13.65 5.68 15.16
CA SER A 121 -12.32 6.05 15.65
C SER A 121 -12.42 7.23 16.60
N LYS A 122 -11.61 7.22 17.67
CA LYS A 122 -11.55 8.31 18.63
C LYS A 122 -10.22 9.10 18.45
N TRP A 123 -10.32 10.43 18.40
CA TRP A 123 -9.16 11.27 18.20
C TRP A 123 -9.00 12.24 19.37
N VAL A 124 -7.77 12.48 19.82
CA VAL A 124 -7.49 13.40 20.92
C VAL A 124 -6.58 14.55 20.46
N MET A 125 -6.68 15.68 21.12
CA MET A 125 -5.88 16.85 20.79
C MET A 125 -4.49 16.70 21.40
N MET A 126 -3.46 17.12 20.67
CA MET A 126 -2.09 17.02 21.14
C MET A 126 -1.28 18.21 20.63
N ASN A 127 -0.35 18.73 21.44
CA ASN A 127 0.53 19.80 20.98
C ASN A 127 1.56 19.09 20.11
N GLN A 128 1.73 19.54 18.87
CA GLN A 128 2.63 18.98 17.86
C GLN A 128 4.10 18.87 18.30
N ASP A 129 4.59 19.88 19.03
CA ASP A 129 6.00 19.95 19.49
C ASP A 129 6.26 19.18 20.80
N THR A 130 5.56 19.52 21.90
CA THR A 130 5.76 18.83 23.18
C THR A 130 5.18 17.43 23.24
N ARG A 131 4.24 17.10 22.34
CA ARG A 131 3.55 15.81 22.31
C ARG A 131 2.61 15.63 23.54
N ARG A 132 2.18 16.73 24.16
CA ARG A 132 1.32 16.67 25.34
C ARG A 132 -0.15 16.72 24.98
N LEU A 133 -0.89 15.72 25.47
CA LEU A 133 -2.33 15.67 25.19
C LEU A 133 -3.04 16.73 25.96
N GLN A 134 -4.14 17.22 25.41
CA GLN A 134 -4.94 18.23 26.08
C GLN A 134 -6.43 18.08 25.71
N LYS A 135 -7.29 18.87 26.38
CA LYS A 135 -8.73 18.89 26.13
C LYS A 135 -9.03 19.83 24.95
N VAL A 136 -10.21 19.68 24.34
CA VAL A 136 -10.60 20.55 23.23
C VAL A 136 -11.14 21.90 23.74
N SER A 137 -10.58 23.02 23.26
CA SER A 137 -11.05 24.34 23.69
C SER A 137 -12.39 24.71 23.02
N ASP A 138 -13.12 25.69 23.62
CA ASP A 138 -14.40 26.19 23.10
C ASP A 138 -14.25 26.67 21.66
N ASP A 139 -13.16 27.38 21.35
CA ASP A 139 -12.92 27.92 20.00
C ASP A 139 -12.76 26.82 18.95
N VAL A 140 -12.11 25.70 19.31
CA VAL A 140 -11.94 24.59 18.38
C VAL A 140 -13.27 23.84 18.23
N ARG A 141 -13.99 23.64 19.35
CA ARG A 141 -15.29 22.97 19.34
C ARG A 141 -16.32 23.65 18.45
N ASP A 142 -16.37 24.98 18.48
CA ASP A 142 -17.32 25.73 17.67
C ASP A 142 -16.92 25.73 16.20
N GLU A 143 -15.61 25.78 15.92
CA GLU A 143 -15.03 25.79 14.58
C GLU A 143 -15.29 24.56 13.74
N TYR A 144 -15.56 23.40 14.36
CA TYR A 144 -15.84 22.18 13.60
C TYR A 144 -17.28 21.68 13.77
N LEU A 145 -18.10 22.30 14.64
CA LEU A 145 -19.48 21.89 14.80
C LEU A 145 -20.35 22.27 13.60
N VAL A 146 -19.91 23.23 12.78
CA VAL A 146 -20.64 23.59 11.56
C VAL A 146 -20.48 22.53 10.43
N PHE A 147 -19.56 21.56 10.60
CA PHE A 147 -19.29 20.46 9.67
C PHE A 147 -19.80 19.09 10.18
N CYS A 148 -20.35 19.03 11.40
CA CYS A 148 -20.79 17.81 12.05
C CYS A 148 -22.32 17.76 12.23
N PRO A 149 -22.96 16.56 12.22
CA PRO A 149 -24.39 16.50 12.59
C PRO A 149 -24.55 16.91 14.06
N GLN A 150 -25.61 17.64 14.38
CA GLN A 150 -25.82 18.14 15.76
C GLN A 150 -26.44 17.06 16.67
N GLU A 151 -27.36 16.28 16.13
CA GLU A 151 -27.93 15.14 16.86
C GLU A 151 -26.94 13.97 16.74
N PRO A 152 -26.87 13.05 17.73
CA PRO A 152 -25.92 11.94 17.61
C PRO A 152 -26.21 11.05 16.41
N ARG A 153 -25.14 10.59 15.77
CA ARG A 153 -25.19 9.71 14.63
C ARG A 153 -24.04 8.72 14.88
N LEU A 154 -24.38 7.49 15.25
CA LEU A 154 -23.36 6.51 15.60
C LEU A 154 -23.31 5.34 14.65
N ALA A 155 -22.10 4.98 14.20
CA ALA A 155 -21.94 3.77 13.41
C ALA A 155 -22.19 2.55 14.33
N PHE A 156 -21.84 2.65 15.63
CA PHE A 156 -22.05 1.62 16.64
C PHE A 156 -22.99 2.16 17.75
N PRO A 157 -24.30 2.09 17.53
CA PRO A 157 -25.24 2.64 18.51
C PRO A 157 -25.48 1.78 19.77
N GLU A 158 -25.60 0.45 19.60
CA GLU A 158 -25.84 -0.55 20.65
C GLU A 158 -25.28 -0.23 22.06
N GLU A 159 -26.08 -0.55 23.10
CA GLU A 159 -25.85 -0.32 24.53
C GLU A 159 -24.44 -0.69 25.11
N ASN A 160 -23.96 -1.93 24.96
CA ASN A 160 -22.62 -2.27 25.45
C ASN A 160 -21.90 -2.89 24.27
N ASN A 161 -21.77 -2.13 23.17
CA ASN A 161 -21.13 -2.63 21.97
C ASN A 161 -19.60 -2.77 22.14
N ARG A 162 -18.98 -3.61 21.30
CA ARG A 162 -17.54 -3.92 21.33
C ARG A 162 -16.59 -2.73 21.17
N SER A 163 -17.02 -1.64 20.51
CA SER A 163 -16.16 -0.48 20.25
C SER A 163 -15.72 0.33 21.47
N LEU A 164 -16.40 0.18 22.60
CA LEU A 164 -16.09 0.94 23.82
C LEU A 164 -15.59 0.06 24.99
N LYS A 165 -15.20 -1.19 24.72
CA LYS A 165 -14.74 -2.11 25.75
C LYS A 165 -13.32 -1.77 26.20
N LYS A 166 -13.05 -1.86 27.51
CA LYS A 166 -11.72 -1.63 28.05
C LYS A 166 -10.82 -2.83 27.67
N ILE A 167 -9.59 -2.58 27.16
CA ILE A 167 -8.67 -3.67 26.76
C ILE A 167 -7.55 -3.85 27.80
N PRO A 168 -7.35 -5.08 28.30
CA PRO A 168 -6.29 -5.30 29.28
C PRO A 168 -4.89 -5.44 28.66
N LYS A 169 -3.86 -5.37 29.50
CA LYS A 169 -2.48 -5.50 29.05
C LYS A 169 -2.06 -6.97 29.10
N LEU A 170 -1.57 -7.48 27.97
CA LEU A 170 -1.11 -8.86 27.79
C LEU A 170 0.02 -9.16 28.78
N GLU A 171 -0.07 -10.29 29.47
CA GLU A 171 0.93 -10.71 30.45
C GLU A 171 1.97 -11.64 29.82
N ASP A 172 3.25 -11.44 30.12
CA ASP A 172 4.31 -12.31 29.60
C ASP A 172 4.27 -13.65 30.40
N PRO A 173 4.50 -14.81 29.75
CA PRO A 173 4.83 -15.00 28.33
C PRO A 173 3.61 -14.96 27.38
N ALA A 174 3.82 -14.42 26.18
CA ALA A 174 2.78 -14.38 25.15
C ALA A 174 2.69 -15.78 24.50
N GLN A 175 1.50 -16.18 24.03
CA GLN A 175 1.36 -17.48 23.37
C GLN A 175 2.11 -17.47 22.02
N TYR A 176 1.94 -16.37 21.25
CA TYR A 176 2.56 -16.19 19.94
C TYR A 176 3.32 -14.85 19.86
N SER A 177 4.32 -14.75 18.97
CA SER A 177 5.06 -13.50 18.81
C SER A 177 5.74 -13.34 17.44
N MET A 178 5.92 -12.10 17.00
CA MET A 178 6.64 -11.78 15.78
C MET A 178 7.60 -10.65 16.21
N ILE A 179 8.89 -10.91 16.18
CA ILE A 179 9.95 -10.04 16.69
C ILE A 179 10.72 -9.23 15.63
N GLY A 180 11.22 -8.05 16.00
CA GLY A 180 12.07 -7.28 15.11
C GLY A 180 11.40 -6.61 13.92
N LEU A 181 10.14 -6.24 14.05
CA LEU A 181 9.39 -5.55 13.00
C LEU A 181 9.87 -4.07 12.89
N LYS A 182 10.18 -3.59 11.67
CA LYS A 182 10.65 -2.21 11.48
C LYS A 182 9.94 -1.59 10.32
N PRO A 183 9.61 -0.29 10.41
CA PRO A 183 8.97 0.37 9.27
C PRO A 183 9.95 0.70 8.14
N ARG A 184 9.50 0.56 6.90
CA ARG A 184 10.29 1.01 5.75
C ARG A 184 9.63 2.32 5.22
N ARG A 185 10.22 3.00 4.21
CA ARG A 185 9.67 4.28 3.74
C ARG A 185 8.21 4.20 3.29
N ALA A 186 7.80 3.06 2.68
CA ALA A 186 6.40 2.88 2.27
C ALA A 186 5.43 2.89 3.48
N ASP A 187 5.93 2.64 4.71
CA ASP A 187 5.08 2.67 5.91
C ASP A 187 4.87 4.08 6.49
N LEU A 188 5.55 5.10 5.93
CA LEU A 188 5.45 6.45 6.45
C LEU A 188 4.45 7.30 5.67
N ASP A 189 3.82 8.25 6.34
CA ASP A 189 2.91 9.18 5.70
C ASP A 189 3.71 10.38 5.12
N MET A 190 3.02 11.38 4.54
CA MET A 190 3.69 12.54 3.96
C MET A 190 4.49 13.36 4.98
N ASN A 191 4.20 13.23 6.28
CA ASN A 191 4.95 13.95 7.32
C ASN A 191 6.05 13.10 7.97
N GLN A 192 6.38 11.93 7.38
CA GLN A 192 7.42 10.99 7.84
C GLN A 192 7.09 10.33 9.17
N HIS A 193 5.82 10.25 9.52
CA HIS A 193 5.36 9.53 10.70
C HIS A 193 4.85 8.18 10.21
N VAL A 194 4.93 7.13 11.04
CA VAL A 194 4.42 5.81 10.68
C VAL A 194 2.89 5.91 10.50
N ASN A 195 2.39 5.42 9.36
CA ASN A 195 0.97 5.41 9.03
C ASN A 195 0.24 4.51 10.04
N ASN A 196 -0.93 4.92 10.52
CA ASN A 196 -1.72 4.15 11.49
C ASN A 196 -2.09 2.74 11.09
N VAL A 197 -2.21 2.48 9.78
CA VAL A 197 -2.57 1.17 9.22
C VAL A 197 -1.44 0.16 9.37
N THR A 198 -0.16 0.62 9.34
CA THR A 198 1.02 -0.22 9.57
C THR A 198 0.89 -0.94 10.94
N TYR A 199 0.40 -0.22 11.99
CA TYR A 199 0.26 -0.85 13.32
C TYR A 199 -0.73 -1.99 13.29
N ILE A 200 -1.81 -1.88 12.47
CA ILE A 200 -2.77 -2.96 12.32
C ILE A 200 -2.06 -4.18 11.72
N GLY A 201 -1.25 -3.97 10.68
CA GLY A 201 -0.47 -5.03 10.05
C GLY A 201 0.48 -5.71 11.02
N TRP A 202 1.17 -4.90 11.82
CA TRP A 202 2.10 -5.43 12.84
C TRP A 202 1.41 -6.27 13.88
N VAL A 203 0.23 -5.82 14.38
CA VAL A 203 -0.58 -6.58 15.34
C VAL A 203 -0.93 -7.99 14.77
N LEU A 204 -1.41 -7.99 13.50
CA LEU A 204 -1.82 -9.20 12.78
C LEU A 204 -0.69 -10.18 12.47
N GLU A 205 0.57 -9.69 12.42
CA GLU A 205 1.73 -10.54 12.14
C GLU A 205 1.96 -11.66 13.17
N SER A 206 1.54 -11.44 14.42
CA SER A 206 1.70 -12.49 15.44
C SER A 206 0.51 -13.50 15.46
N ILE A 207 -0.51 -13.32 14.62
CA ILE A 207 -1.60 -14.30 14.50
C ILE A 207 -1.00 -15.44 13.66
N PRO A 208 -1.11 -16.71 14.11
CA PRO A 208 -0.56 -17.81 13.30
C PRO A 208 -1.24 -17.93 11.93
N GLN A 209 -0.46 -18.32 10.92
CA GLN A 209 -0.96 -18.47 9.55
C GLN A 209 -2.14 -19.43 9.42
N GLU A 210 -2.19 -20.51 10.24
CA GLU A 210 -3.32 -21.45 10.20
C GLU A 210 -4.64 -20.78 10.54
N ILE A 211 -4.65 -19.84 11.50
CA ILE A 211 -5.85 -19.09 11.88
C ILE A 211 -6.28 -18.24 10.69
N VAL A 212 -5.33 -17.54 10.06
CA VAL A 212 -5.63 -16.71 8.90
C VAL A 212 -6.19 -17.54 7.74
N ASP A 213 -5.62 -18.73 7.50
CA ASP A 213 -6.05 -19.66 6.44
C ASP A 213 -7.45 -20.30 6.67
N THR A 214 -7.89 -20.40 7.93
CA THR A 214 -9.17 -21.05 8.25
C THR A 214 -10.24 -20.10 8.82
N HIS A 215 -9.87 -18.86 9.14
CA HIS A 215 -10.81 -17.90 9.72
C HIS A 215 -10.84 -16.60 8.98
N GLU A 216 -11.93 -15.86 9.14
CA GLU A 216 -12.05 -14.52 8.61
C GLU A 216 -12.06 -13.56 9.79
N LEU A 217 -11.34 -12.44 9.68
CA LEU A 217 -11.31 -11.44 10.74
C LEU A 217 -12.66 -10.68 10.75
N GLN A 218 -13.43 -10.77 11.85
CA GLN A 218 -14.71 -10.08 11.95
C GLN A 218 -14.57 -8.71 12.61
N VAL A 219 -13.84 -8.62 13.75
CA VAL A 219 -13.70 -7.38 14.51
C VAL A 219 -12.27 -7.17 14.95
N ILE A 220 -11.80 -5.90 14.92
CA ILE A 220 -10.51 -5.47 15.42
C ILE A 220 -10.65 -4.15 16.19
N THR A 221 -10.20 -4.11 17.44
CA THR A 221 -10.20 -2.90 18.26
C THR A 221 -8.76 -2.64 18.63
N LEU A 222 -8.25 -1.46 18.29
CA LEU A 222 -6.86 -1.13 18.55
C LEU A 222 -6.71 0.21 19.30
N ASP A 223 -6.02 0.20 20.44
CA ASP A 223 -5.67 1.38 21.21
C ASP A 223 -4.26 1.85 20.76
N TYR A 224 -4.07 3.16 20.63
CA TYR A 224 -2.81 3.76 20.21
C TYR A 224 -2.29 4.54 21.44
N ARG A 225 -1.18 4.12 22.01
CA ARG A 225 -0.64 4.73 23.25
C ARG A 225 0.52 5.68 23.00
N ARG A 226 1.37 5.32 22.05
CA ARG A 226 2.60 6.03 21.72
C ARG A 226 2.97 5.69 20.27
N GLU A 227 3.62 6.61 19.56
CA GLU A 227 3.97 6.32 18.18
C GLU A 227 5.30 5.57 18.04
N CYS A 228 5.44 4.77 16.99
CA CYS A 228 6.68 4.09 16.68
C CYS A 228 7.44 5.08 15.77
N GLN A 229 8.69 5.34 16.09
CA GLN A 229 9.49 6.24 15.25
C GLN A 229 10.10 5.46 14.10
N GLN A 230 10.54 6.18 13.07
CA GLN A 230 11.15 5.62 11.86
C GLN A 230 12.34 4.71 12.18
N ASP A 231 13.11 5.00 13.24
CA ASP A 231 14.27 4.16 13.59
C ASP A 231 13.99 3.19 14.78
N ASP A 232 12.71 3.00 15.14
CA ASP A 232 12.33 2.07 16.21
C ASP A 232 12.09 0.64 15.67
N VAL A 233 12.17 -0.35 16.56
CA VAL A 233 11.95 -1.77 16.26
C VAL A 233 10.85 -2.26 17.20
N VAL A 234 9.88 -3.00 16.68
CA VAL A 234 8.71 -3.44 17.42
C VAL A 234 8.59 -4.95 17.53
N ASP A 235 8.08 -5.43 18.67
CA ASP A 235 7.71 -6.82 18.88
C ASP A 235 6.19 -6.86 18.94
N SER A 236 5.59 -7.84 18.27
CA SER A 236 4.16 -8.06 18.20
C SER A 236 3.81 -9.32 19.02
N LEU A 237 2.94 -9.20 20.02
CA LEU A 237 2.60 -10.32 20.89
C LEU A 237 1.10 -10.63 20.86
N THR A 238 0.74 -11.92 20.88
CA THR A 238 -0.65 -12.37 20.83
C THR A 238 -0.89 -13.56 21.77
N THR A 239 -2.04 -13.58 22.45
CA THR A 239 -2.45 -14.71 23.29
C THR A 239 -3.92 -14.99 23.00
N THR A 240 -4.29 -16.27 22.81
CA THR A 240 -5.70 -16.60 22.59
C THR A 240 -6.46 -16.38 23.90
N THR A 241 -7.62 -15.73 23.85
CA THR A 241 -8.45 -15.54 25.05
C THR A 241 -9.77 -16.34 24.99
N SER A 242 -10.12 -16.93 23.84
CA SER A 242 -11.35 -17.72 23.75
C SER A 242 -11.23 -19.12 24.40
N ASN A 259 -16.51 -22.11 17.93
CA ASN A 259 -16.90 -21.46 16.68
C ASN A 259 -16.04 -20.22 16.38
N ASP A 260 -15.93 -19.29 17.34
CA ASP A 260 -15.15 -18.07 17.16
C ASP A 260 -13.83 -18.12 17.95
N SER A 261 -12.82 -17.39 17.49
CA SER A 261 -11.54 -17.28 18.20
C SER A 261 -11.29 -15.81 18.53
N GLN A 262 -10.90 -15.52 19.77
CA GLN A 262 -10.57 -14.17 20.21
C GLN A 262 -9.12 -14.14 20.63
N PHE A 263 -8.45 -13.01 20.38
CA PHE A 263 -7.04 -12.86 20.78
C PHE A 263 -6.85 -11.52 21.49
N LEU A 264 -5.86 -11.47 22.35
CA LEU A 264 -5.44 -10.25 23.00
C LEU A 264 -4.07 -9.93 22.37
N HIS A 265 -3.84 -8.65 22.03
CA HIS A 265 -2.65 -8.23 21.34
C HIS A 265 -1.87 -7.15 22.07
N LEU A 266 -0.56 -7.10 21.84
CA LEU A 266 0.30 -6.06 22.40
C LEU A 266 1.47 -5.77 21.47
N LEU A 267 1.66 -4.48 21.09
CA LEU A 267 2.84 -4.06 20.36
C LEU A 267 3.72 -3.29 21.35
N ARG A 268 5.00 -3.59 21.39
CA ARG A 268 5.93 -2.87 22.28
C ARG A 268 7.30 -2.71 21.62
N LEU A 269 8.09 -1.71 22.03
CA LEU A 269 9.41 -1.49 21.45
C LEU A 269 10.33 -2.64 21.85
N SER A 270 11.04 -3.27 20.89
CA SER A 270 11.88 -4.46 21.15
C SER A 270 12.93 -4.29 22.21
N GLY A 271 13.39 -3.07 22.40
CA GLY A 271 14.42 -2.79 23.39
C GLY A 271 13.90 -2.75 24.80
N ASP A 272 13.44 -1.57 25.21
CA ASP A 272 12.97 -1.33 26.58
C ASP A 272 11.59 -1.94 26.91
N GLY A 273 10.86 -2.39 25.91
CA GLY A 273 9.52 -2.96 26.15
C GLY A 273 8.44 -1.94 26.38
N GLN A 274 8.66 -0.69 25.94
CA GLN A 274 7.71 0.40 26.04
C GLN A 274 6.46 0.09 25.21
N GLU A 275 5.25 0.14 25.82
CA GLU A 275 4.00 -0.14 25.11
C GLU A 275 3.67 0.92 24.02
N ILE A 276 3.37 0.48 22.78
CA ILE A 276 2.97 1.40 21.72
C ILE A 276 1.46 1.20 21.39
N ASN A 277 0.97 -0.05 21.40
CA ASN A 277 -0.44 -0.39 21.14
C ASN A 277 -0.87 -1.61 21.94
N ARG A 278 -2.18 -1.72 22.16
CA ARG A 278 -2.84 -2.90 22.70
C ARG A 278 -4.16 -3.08 21.92
N GLY A 279 -4.61 -4.32 21.73
CA GLY A 279 -5.84 -4.56 20.98
C GLY A 279 -6.42 -5.94 21.15
N THR A 280 -7.57 -6.17 20.53
CA THR A 280 -8.28 -7.47 20.51
C THR A 280 -8.80 -7.73 19.10
N THR A 281 -8.82 -9.00 18.69
CA THR A 281 -9.39 -9.40 17.41
C THR A 281 -10.38 -10.56 17.63
N LEU A 282 -11.43 -10.62 16.81
CA LEU A 282 -12.40 -11.70 16.89
C LEU A 282 -12.48 -12.29 15.48
N TRP A 283 -12.33 -13.60 15.37
CA TRP A 283 -12.30 -14.28 14.09
C TRP A 283 -13.39 -15.37 14.02
N ARG A 284 -14.02 -15.55 12.84
CA ARG A 284 -15.02 -16.59 12.70
C ARG A 284 -14.56 -17.66 11.70
N LYS A 285 -14.92 -18.92 11.95
CA LYS A 285 -14.54 -20.02 11.08
C LYS A 285 -15.19 -19.85 9.69
N LYS A 286 -14.41 -20.03 8.62
CA LYS A 286 -14.90 -19.90 7.24
C LYS A 286 -15.95 -20.97 6.93
N GLY B 2 -11.25 2.16 -16.74
CA GLY B 2 -10.29 1.48 -17.60
C GLY B 2 -10.93 0.85 -18.81
N SER B 3 -10.23 0.91 -19.95
CA SER B 3 -10.77 0.35 -21.17
C SER B 3 -9.69 0.09 -22.21
N LEU B 4 -9.90 -0.92 -23.06
CA LEU B 4 -9.02 -1.17 -24.21
C LEU B 4 -9.22 -0.01 -25.19
N THR B 5 -8.17 0.36 -25.91
CA THR B 5 -8.23 1.42 -26.92
C THR B 5 -9.08 0.96 -28.15
N GLU B 6 -9.29 1.85 -29.12
CA GLU B 6 -10.09 1.57 -30.30
C GLU B 6 -9.67 0.29 -31.04
N ASP B 7 -8.37 0.11 -31.31
CA ASP B 7 -7.91 -1.08 -32.03
C ASP B 7 -7.87 -2.37 -31.18
N GLY B 8 -8.00 -2.25 -29.86
CA GLY B 8 -7.98 -3.40 -28.95
C GLY B 8 -6.58 -3.95 -28.70
N LEU B 9 -5.52 -3.21 -29.11
CA LEU B 9 -4.13 -3.64 -28.96
C LEU B 9 -3.39 -2.95 -27.77
N SER B 10 -4.11 -2.14 -26.97
CA SER B 10 -3.55 -1.51 -25.76
C SER B 10 -4.69 -1.13 -24.78
N TYR B 11 -4.35 -0.75 -23.56
CA TYR B 11 -5.35 -0.50 -22.52
C TYR B 11 -5.02 0.76 -21.75
N LYS B 12 -6.04 1.59 -21.45
CA LYS B 12 -5.82 2.82 -20.68
C LYS B 12 -6.61 2.84 -19.42
N GLU B 13 -6.08 3.45 -18.37
CA GLU B 13 -6.81 3.61 -17.12
C GLU B 13 -6.37 4.89 -16.38
N LYS B 14 -7.33 5.56 -15.75
CA LYS B 14 -7.06 6.77 -14.98
C LYS B 14 -7.06 6.46 -13.49
N PHE B 15 -6.18 7.12 -12.75
CA PHE B 15 -6.06 6.93 -11.30
C PHE B 15 -5.96 8.29 -10.63
N VAL B 16 -6.61 8.44 -9.48
CA VAL B 16 -6.52 9.67 -8.69
C VAL B 16 -5.54 9.33 -7.57
N VAL B 17 -4.43 10.08 -7.47
CA VAL B 17 -3.39 9.84 -6.45
C VAL B 17 -3.95 10.02 -4.99
N ARG B 18 -3.83 8.95 -4.15
CA ARG B 18 -4.36 8.94 -2.78
C ARG B 18 -3.43 9.55 -1.74
N SER B 19 -3.99 10.01 -0.59
CA SER B 19 -3.23 10.59 0.52
C SER B 19 -2.12 9.70 1.06
N TYR B 20 -2.39 8.39 1.28
CA TYR B 20 -1.35 7.48 1.80
C TYR B 20 -0.34 6.99 0.72
N GLU B 21 -0.56 7.37 -0.53
CA GLU B 21 0.29 6.98 -1.65
C GLU B 21 1.46 7.93 -1.90
N VAL B 22 1.49 9.10 -1.21
CA VAL B 22 2.52 10.11 -1.44
C VAL B 22 3.57 10.18 -0.35
N GLY B 23 4.77 10.65 -0.72
CA GLY B 23 5.89 10.87 0.20
C GLY B 23 5.95 12.29 0.75
N SER B 24 7.13 12.69 1.28
CA SER B 24 7.34 14.00 1.91
C SER B 24 7.10 15.22 1.01
N ASN B 25 7.27 15.08 -0.30
CA ASN B 25 7.02 16.18 -1.23
C ASN B 25 5.56 16.22 -1.78
N LYS B 26 4.65 15.46 -1.16
CA LYS B 26 3.24 15.40 -1.54
C LYS B 26 3.01 14.90 -2.97
N THR B 27 3.93 14.10 -3.50
CA THR B 27 3.83 13.44 -4.80
C THR B 27 4.00 11.93 -4.61
N ALA B 28 3.40 11.14 -5.52
CA ALA B 28 3.42 9.68 -5.49
C ALA B 28 4.83 9.12 -5.40
N THR B 29 5.03 8.10 -4.55
CA THR B 29 6.33 7.45 -4.45
C THR B 29 6.54 6.56 -5.69
N VAL B 30 7.79 6.12 -5.94
CA VAL B 30 8.04 5.20 -7.05
C VAL B 30 7.31 3.85 -6.83
N GLU B 31 7.09 3.46 -5.56
CA GLU B 31 6.35 2.23 -5.24
C GLU B 31 4.89 2.34 -5.56
N THR B 32 4.29 3.53 -5.37
CA THR B 32 2.89 3.75 -5.75
C THR B 32 2.78 3.65 -7.28
N ILE B 33 3.71 4.28 -8.01
CA ILE B 33 3.74 4.21 -9.47
C ILE B 33 3.84 2.76 -9.93
N ALA B 34 4.77 1.98 -9.33
CA ALA B 34 4.95 0.58 -9.68
C ALA B 34 3.69 -0.25 -9.38
N ASN B 35 2.95 0.04 -8.28
CA ASN B 35 1.68 -0.64 -7.97
C ASN B 35 0.63 -0.33 -9.04
N LEU B 36 0.54 0.94 -9.47
CA LEU B 36 -0.41 1.36 -10.51
C LEU B 36 -0.08 0.69 -11.85
N LEU B 37 1.21 0.53 -12.16
CA LEU B 37 1.62 -0.20 -13.37
C LEU B 37 1.11 -1.66 -13.31
N GLN B 38 1.29 -2.35 -12.16
CA GLN B 38 0.85 -3.72 -11.98
C GLN B 38 -0.66 -3.81 -12.13
N GLU B 39 -1.41 -2.87 -11.51
CA GLU B 39 -2.88 -2.83 -11.58
C GLU B 39 -3.40 -2.68 -13.01
N VAL B 40 -2.86 -1.72 -13.78
CA VAL B 40 -3.30 -1.54 -15.17
C VAL B 40 -2.91 -2.77 -16.03
N GLY B 41 -1.79 -3.41 -15.72
CA GLY B 41 -1.36 -4.64 -16.39
C GLY B 41 -2.37 -5.75 -16.15
N CYS B 42 -2.81 -5.92 -14.88
CA CYS B 42 -3.82 -6.91 -14.51
C CYS B 42 -5.14 -6.61 -15.19
N ASN B 43 -5.57 -5.33 -15.24
CA ASN B 43 -6.85 -4.98 -15.87
C ASN B 43 -6.80 -5.23 -17.39
N HIS B 44 -5.63 -5.02 -18.03
CA HIS B 44 -5.44 -5.31 -19.43
C HIS B 44 -5.61 -6.83 -19.68
N ALA B 45 -4.90 -7.68 -18.91
CA ALA B 45 -4.98 -9.14 -19.02
C ALA B 45 -6.43 -9.65 -18.85
N GLN B 46 -7.17 -9.09 -17.89
CA GLN B 46 -8.55 -9.46 -17.66
C GLN B 46 -9.46 -9.09 -18.83
N SER B 47 -9.28 -7.89 -19.39
CA SER B 47 -10.10 -7.41 -20.49
C SER B 47 -9.97 -8.23 -21.76
N VAL B 48 -8.83 -8.90 -21.96
CA VAL B 48 -8.63 -9.70 -23.15
C VAL B 48 -8.73 -11.22 -22.89
N GLY B 49 -9.44 -11.61 -21.84
CA GLY B 49 -9.71 -13.00 -21.55
C GLY B 49 -8.71 -13.87 -20.82
N PHE B 50 -7.85 -13.29 -19.97
CA PHE B 50 -6.90 -14.10 -19.19
C PHE B 50 -7.34 -14.29 -17.73
N SER B 51 -6.66 -15.19 -16.98
CA SER B 51 -6.90 -15.48 -15.55
C SER B 51 -8.35 -15.40 -15.09
N ALA B 56 -1.85 -13.72 -15.81
CA ALA B 56 -1.67 -13.55 -17.25
C ALA B 56 -1.52 -14.88 -18.00
N THR B 57 -1.94 -15.99 -17.38
CA THR B 57 -1.81 -17.31 -17.98
C THR B 57 -2.79 -17.55 -19.13
N THR B 58 -2.28 -18.16 -20.21
CA THR B 58 -3.08 -18.52 -21.37
C THR B 58 -3.62 -19.97 -21.17
N THR B 59 -4.46 -20.47 -22.10
CA THR B 59 -5.03 -21.82 -21.98
C THR B 59 -3.93 -22.89 -22.05
N THR B 60 -2.97 -22.74 -22.98
CA THR B 60 -1.86 -23.69 -23.11
C THR B 60 -0.92 -23.64 -21.88
N MET B 61 -0.76 -22.46 -21.27
CA MET B 61 0.07 -22.32 -20.08
C MET B 61 -0.54 -23.08 -18.89
N ARG B 62 -1.86 -22.97 -18.69
CA ARG B 62 -2.52 -23.67 -17.59
C ARG B 62 -2.42 -25.19 -17.74
N LYS B 63 -2.51 -25.69 -18.98
CA LYS B 63 -2.44 -27.11 -19.27
C LYS B 63 -1.04 -27.67 -18.97
N LEU B 64 0.01 -26.87 -19.28
CA LEU B 64 1.39 -27.26 -19.05
C LEU B 64 1.99 -26.73 -17.73
N HIS B 65 1.17 -26.15 -16.84
CA HIS B 65 1.61 -25.59 -15.56
C HIS B 65 2.73 -24.54 -15.69
N LEU B 66 2.60 -23.63 -16.65
CA LEU B 66 3.55 -22.56 -16.90
C LEU B 66 3.00 -21.20 -16.47
N ILE B 67 3.88 -20.31 -15.99
CA ILE B 67 3.56 -18.95 -15.57
C ILE B 67 4.57 -17.93 -16.13
N TRP B 68 4.19 -16.65 -16.21
CA TRP B 68 5.09 -15.57 -16.57
C TRP B 68 5.70 -15.02 -15.29
N VAL B 69 7.02 -14.81 -15.25
CA VAL B 69 7.73 -14.26 -14.10
C VAL B 69 8.55 -13.05 -14.55
N THR B 70 8.62 -11.99 -13.72
CA THR B 70 9.41 -10.80 -14.10
C THR B 70 10.90 -11.09 -14.03
N ALA B 71 11.63 -10.77 -15.09
CA ALA B 71 13.08 -10.87 -15.14
C ALA B 71 13.71 -9.49 -14.90
N ARG B 72 13.06 -8.42 -15.41
CA ARG B 72 13.59 -7.07 -15.34
C ARG B 72 12.45 -6.06 -15.36
N MET B 73 12.60 -4.98 -14.59
CA MET B 73 11.68 -3.85 -14.53
C MET B 73 12.52 -2.55 -14.71
N HIS B 74 12.09 -1.63 -15.58
CA HIS B 74 12.79 -0.37 -15.80
C HIS B 74 11.80 0.80 -15.80
N ILE B 75 11.98 1.76 -14.90
CA ILE B 75 11.06 2.89 -14.81
C ILE B 75 11.81 4.24 -14.87
N GLU B 76 11.29 5.18 -15.66
N GLU B 76 11.28 5.19 -15.65
N GLU B 76 11.29 5.18 -15.66
CA GLU B 76 11.85 6.53 -15.76
CA GLU B 76 11.83 6.53 -15.77
CA GLU B 76 11.85 6.53 -15.76
C GLU B 76 10.74 7.56 -15.50
C GLU B 76 10.72 7.54 -15.49
C GLU B 76 10.74 7.56 -15.50
N ILE B 77 10.89 8.38 -14.47
CA ILE B 77 9.88 9.39 -14.11
C ILE B 77 10.41 10.80 -14.34
N TYR B 78 9.65 11.63 -15.07
CA TYR B 78 9.96 13.05 -15.32
C TYR B 78 9.27 13.93 -14.28
N LYS B 79 8.00 13.61 -13.96
CA LYS B 79 7.22 14.32 -12.94
C LYS B 79 6.38 13.30 -12.16
N TYR B 80 6.51 13.26 -10.83
CA TYR B 80 5.67 12.39 -10.01
C TYR B 80 4.36 13.15 -9.78
N PRO B 81 3.21 12.48 -9.98
CA PRO B 81 1.93 13.19 -9.79
C PRO B 81 1.67 13.56 -8.34
N ALA B 82 1.09 14.74 -8.12
CA ALA B 82 0.76 15.23 -6.79
C ALA B 82 -0.49 14.52 -6.24
N TRP B 83 -0.64 14.54 -4.91
CA TRP B 83 -1.79 14.01 -4.17
C TRP B 83 -3.07 14.71 -4.71
N GLY B 84 -4.02 13.92 -5.19
CA GLY B 84 -5.24 14.46 -5.77
C GLY B 84 -5.20 14.60 -7.29
N ASP B 85 -4.02 14.49 -7.90
CA ASP B 85 -3.90 14.58 -9.36
C ASP B 85 -4.44 13.30 -10.03
N VAL B 86 -4.84 13.43 -11.29
CA VAL B 86 -5.32 12.30 -12.07
C VAL B 86 -4.22 11.95 -13.08
N VAL B 87 -3.73 10.71 -13.04
CA VAL B 87 -2.72 10.22 -13.96
C VAL B 87 -3.35 9.18 -14.92
N GLU B 88 -3.01 9.24 -16.23
CA GLU B 88 -3.51 8.23 -17.17
C GLU B 88 -2.38 7.33 -17.60
N ILE B 89 -2.57 6.02 -17.50
CA ILE B 89 -1.54 5.06 -17.87
C ILE B 89 -2.01 4.18 -19.04
N GLU B 90 -1.21 4.12 -20.10
CA GLU B 90 -1.50 3.26 -21.24
C GLU B 90 -0.48 2.07 -21.19
N THR B 91 -0.96 0.84 -21.38
CA THR B 91 -0.09 -0.33 -21.35
C THR B 91 -0.36 -1.24 -22.56
N TRP B 92 0.67 -1.97 -22.98
CA TRP B 92 0.56 -2.92 -24.07
C TRP B 92 1.63 -4.02 -23.91
N CYS B 93 1.43 -5.15 -24.59
CA CYS B 93 2.35 -6.26 -24.53
C CYS B 93 2.93 -6.57 -25.88
N GLN B 94 4.11 -7.18 -25.91
CA GLN B 94 4.75 -7.60 -27.15
C GLN B 94 5.47 -8.91 -26.91
N SER B 95 5.47 -9.75 -27.94
CA SER B 95 6.19 -11.00 -27.90
C SER B 95 7.65 -10.71 -28.31
N GLU B 96 8.62 -11.34 -27.65
CA GLU B 96 10.03 -11.17 -28.04
C GLU B 96 10.60 -12.52 -28.48
N GLY B 97 9.96 -13.14 -29.47
CA GLY B 97 10.34 -14.46 -29.96
C GLY B 97 10.22 -15.52 -28.87
N ARG B 98 11.21 -16.42 -28.76
CA ARG B 98 11.16 -17.43 -27.69
C ARG B 98 11.91 -17.02 -26.43
N ILE B 99 12.42 -15.78 -26.34
CA ILE B 99 13.09 -15.32 -25.12
C ILE B 99 12.02 -15.12 -24.02
N GLY B 100 10.92 -14.47 -24.39
CA GLY B 100 9.82 -14.19 -23.48
C GLY B 100 8.90 -13.12 -24.03
N THR B 101 8.30 -12.36 -23.14
CA THR B 101 7.40 -11.28 -23.51
C THR B 101 7.85 -9.95 -22.83
N ARG B 102 7.23 -8.85 -23.23
CA ARG B 102 7.55 -7.54 -22.71
C ARG B 102 6.26 -6.77 -22.45
N ARG B 103 6.17 -6.04 -21.32
CA ARG B 103 5.00 -5.19 -21.10
C ARG B 103 5.55 -3.77 -20.98
N ASP B 104 4.99 -2.82 -21.74
CA ASP B 104 5.41 -1.42 -21.68
C ASP B 104 4.31 -0.51 -21.15
N TRP B 105 4.70 0.64 -20.57
CA TRP B 105 3.73 1.61 -20.07
C TRP B 105 4.13 3.02 -20.43
N ILE B 106 3.12 3.92 -20.54
CA ILE B 106 3.30 5.35 -20.72
C ILE B 106 2.42 6.02 -19.69
N LEU B 107 2.98 6.93 -18.89
N LEU B 107 2.98 6.93 -18.90
N LEU B 107 2.98 6.93 -18.89
CA LEU B 107 2.24 7.66 -17.88
CA LEU B 107 2.24 7.66 -17.88
CA LEU B 107 2.24 7.66 -17.88
C LEU B 107 2.06 9.10 -18.35
C LEU B 107 2.06 9.09 -18.36
C LEU B 107 2.06 9.10 -18.35
N LYS B 108 0.84 9.62 -18.27
CA LYS B 108 0.56 11.00 -18.68
C LYS B 108 -0.23 11.77 -17.61
N ASP B 109 -0.06 13.09 -17.57
CA ASP B 109 -0.86 13.94 -16.69
C ASP B 109 -2.20 14.06 -17.44
N SER B 110 -3.31 13.65 -16.82
CA SER B 110 -4.62 13.67 -17.48
C SER B 110 -5.09 15.10 -17.87
N VAL B 111 -4.67 16.11 -17.09
CA VAL B 111 -5.07 17.49 -17.37
C VAL B 111 -4.22 18.11 -18.48
N THR B 112 -2.89 17.95 -18.42
CA THR B 112 -2.02 18.58 -19.43
C THR B 112 -1.79 17.70 -20.68
N GLY B 113 -1.98 16.39 -20.56
CA GLY B 113 -1.76 15.47 -21.67
C GLY B 113 -0.31 15.14 -21.95
N GLU B 114 0.62 15.69 -21.14
CA GLU B 114 2.03 15.45 -21.33
C GLU B 114 2.52 14.16 -20.68
N VAL B 115 3.50 13.51 -21.32
CA VAL B 115 4.12 12.31 -20.80
C VAL B 115 4.93 12.66 -19.55
N THR B 116 4.60 12.07 -18.42
CA THR B 116 5.32 12.31 -17.17
C THR B 116 6.17 11.09 -16.71
N GLY B 117 6.07 9.99 -17.44
CA GLY B 117 6.84 8.81 -17.12
C GLY B 117 6.69 7.69 -18.13
N ARG B 118 7.60 6.73 -18.09
N ARG B 118 7.61 6.73 -18.11
N ARG B 118 7.60 6.73 -18.09
CA ARG B 118 7.56 5.57 -18.97
CA ARG B 118 7.58 5.56 -18.98
CA ARG B 118 7.56 5.57 -18.97
C ARG B 118 8.22 4.37 -18.31
C ARG B 118 8.23 4.36 -18.31
C ARG B 118 8.22 4.37 -18.31
N ALA B 119 7.74 3.16 -18.64
CA ALA B 119 8.28 1.94 -18.05
C ALA B 119 8.25 0.77 -19.02
N THR B 120 9.13 -0.21 -18.79
CA THR B 120 9.25 -1.39 -19.60
C THR B 120 9.65 -2.54 -18.69
N SER B 121 9.11 -3.73 -18.96
CA SER B 121 9.41 -4.91 -18.15
C SER B 121 9.58 -6.14 -19.03
N LYS B 122 10.53 -7.02 -18.68
CA LYS B 122 10.77 -8.27 -19.40
C LYS B 122 10.26 -9.46 -18.55
N TRP B 123 9.52 -10.36 -19.18
CA TRP B 123 8.95 -11.51 -18.50
C TRP B 123 9.45 -12.81 -19.16
N VAL B 124 9.76 -13.82 -18.36
CA VAL B 124 10.24 -15.12 -18.86
C VAL B 124 9.28 -16.24 -18.44
N MET B 125 9.24 -17.31 -19.23
CA MET B 125 8.37 -18.44 -18.94
C MET B 125 9.02 -19.33 -17.90
N MET B 126 8.22 -19.85 -16.96
CA MET B 126 8.72 -20.73 -15.92
C MET B 126 7.66 -21.78 -15.59
N ASN B 127 8.10 -23.02 -15.29
CA ASN B 127 7.17 -24.05 -14.82
C ASN B 127 6.91 -23.67 -13.37
N GLN B 128 5.64 -23.47 -12.95
CA GLN B 128 5.37 -23.05 -11.57
C GLN B 128 5.73 -24.08 -10.48
N ASP B 129 5.87 -25.36 -10.84
CA ASP B 129 6.21 -26.39 -9.84
C ASP B 129 7.72 -26.57 -9.66
N THR B 130 8.46 -26.90 -10.73
CA THR B 130 9.92 -27.06 -10.66
C THR B 130 10.69 -25.76 -10.58
N ARG B 131 10.05 -24.62 -10.94
CA ARG B 131 10.66 -23.30 -10.99
C ARG B 131 11.77 -23.23 -12.06
N ARG B 132 11.65 -24.03 -13.13
CA ARG B 132 12.64 -24.04 -14.20
C ARG B 132 12.24 -23.17 -15.35
N LEU B 133 13.14 -22.26 -15.72
CA LEU B 133 12.88 -21.34 -16.82
C LEU B 133 12.93 -22.08 -18.13
N GLN B 134 12.17 -21.61 -19.09
CA GLN B 134 12.17 -22.20 -20.42
C GLN B 134 11.88 -21.15 -21.49
N LYS B 135 12.00 -21.55 -22.77
CA LYS B 135 11.71 -20.68 -23.91
C LYS B 135 10.21 -20.70 -24.21
N VAL B 136 9.72 -19.70 -24.94
CA VAL B 136 8.30 -19.64 -25.30
C VAL B 136 8.01 -20.61 -26.45
N SER B 137 7.01 -21.48 -26.27
CA SER B 137 6.63 -22.44 -27.30
C SER B 137 5.83 -21.78 -28.43
N ASP B 138 5.77 -22.44 -29.61
CA ASP B 138 5.00 -21.99 -30.76
C ASP B 138 3.53 -21.70 -30.41
N ASP B 139 2.91 -22.61 -29.66
CA ASP B 139 1.53 -22.53 -29.24
C ASP B 139 1.21 -21.31 -28.38
N VAL B 140 2.13 -20.89 -27.49
CA VAL B 140 1.90 -19.72 -26.63
C VAL B 140 2.08 -18.42 -27.41
N ARG B 141 3.06 -18.38 -28.31
CA ARG B 141 3.34 -17.21 -29.14
C ARG B 141 2.14 -16.86 -30.03
N ASP B 142 1.43 -17.89 -30.53
CA ASP B 142 0.28 -17.65 -31.39
C ASP B 142 -0.89 -17.09 -30.60
N GLU B 143 -1.12 -17.63 -29.39
CA GLU B 143 -2.20 -17.17 -28.51
C GLU B 143 -1.99 -15.80 -27.88
N TYR B 144 -0.77 -15.26 -27.96
CA TYR B 144 -0.40 -13.96 -27.40
C TYR B 144 -0.44 -12.88 -28.49
N LEU B 145 -0.06 -13.24 -29.72
CA LEU B 145 -0.02 -12.32 -30.87
C LEU B 145 -1.33 -11.64 -31.22
N VAL B 146 -2.48 -12.28 -31.00
CA VAL B 146 -3.78 -11.67 -31.33
C VAL B 146 -4.15 -10.49 -30.41
N PHE B 147 -3.43 -10.32 -29.29
CA PHE B 147 -3.63 -9.25 -28.30
C PHE B 147 -2.50 -8.19 -28.31
N CYS B 148 -1.46 -8.37 -29.13
CA CYS B 148 -0.29 -7.51 -29.20
C CYS B 148 -0.19 -6.76 -30.53
N PRO B 149 0.40 -5.53 -30.56
CA PRO B 149 0.66 -4.88 -31.87
C PRO B 149 1.68 -5.73 -32.66
N GLN B 150 1.50 -5.83 -33.97
CA GLN B 150 2.39 -6.68 -34.78
C GLN B 150 3.71 -5.97 -35.13
N GLU B 151 3.64 -4.67 -35.44
CA GLU B 151 4.83 -3.85 -35.65
C GLU B 151 5.39 -3.46 -34.27
N PRO B 152 6.71 -3.25 -34.12
CA PRO B 152 7.25 -2.87 -32.80
C PRO B 152 6.67 -1.56 -32.29
N ARG B 153 6.45 -1.52 -30.99
CA ARG B 153 5.93 -0.36 -30.29
C ARG B 153 6.72 -0.34 -28.97
N LEU B 154 7.67 0.59 -28.85
CA LEU B 154 8.55 0.63 -27.69
C LEU B 154 8.36 1.87 -26.83
N ALA B 155 8.22 1.68 -25.51
CA ALA B 155 8.21 2.82 -24.59
C ALA B 155 9.63 3.44 -24.58
N PHE B 156 10.69 2.62 -24.74
CA PHE B 156 12.08 3.05 -24.81
C PHE B 156 12.68 2.70 -26.19
N PRO B 157 12.46 3.55 -27.19
CA PRO B 157 12.94 3.22 -28.54
C PRO B 157 14.44 3.44 -28.78
N GLU B 158 15.02 4.53 -28.27
CA GLU B 158 16.43 4.92 -28.39
C GLU B 158 17.45 3.77 -28.51
N GLU B 159 18.43 3.90 -29.44
CA GLU B 159 19.47 2.89 -29.65
C GLU B 159 20.54 3.17 -28.64
N ASN B 160 20.67 2.25 -27.67
CA ASN B 160 21.54 2.17 -26.48
C ASN B 160 20.94 2.86 -25.26
N ASN B 161 19.62 2.76 -25.11
CA ASN B 161 18.92 3.35 -23.95
C ASN B 161 19.21 2.58 -22.64
N ARG B 162 18.97 3.23 -21.50
CA ARG B 162 19.23 2.70 -20.16
C ARG B 162 18.53 1.39 -19.80
N SER B 163 17.36 1.09 -20.41
CA SER B 163 16.56 -0.09 -20.08
C SER B 163 17.18 -1.43 -20.43
N LEU B 164 18.18 -1.46 -21.32
CA LEU B 164 18.81 -2.72 -21.77
C LEU B 164 20.30 -2.85 -21.34
N LYS B 165 20.75 -2.02 -20.41
CA LYS B 165 22.14 -2.04 -19.96
C LYS B 165 22.41 -3.22 -19.02
N LYS B 166 23.57 -3.86 -19.15
CA LYS B 166 23.97 -4.96 -18.28
C LYS B 166 24.34 -4.37 -16.89
N ILE B 167 23.84 -4.96 -15.80
CA ILE B 167 24.13 -4.47 -14.44
C ILE B 167 25.17 -5.36 -13.72
N PRO B 168 26.25 -4.78 -13.20
CA PRO B 168 27.26 -5.59 -12.52
C PRO B 168 26.88 -5.97 -11.07
N LYS B 169 27.62 -6.93 -10.51
CA LYS B 169 27.36 -7.36 -9.14
C LYS B 169 28.21 -6.55 -8.17
N LEU B 170 27.55 -5.94 -7.17
CA LEU B 170 28.15 -5.11 -6.15
C LEU B 170 29.22 -5.91 -5.39
N GLU B 171 30.39 -5.33 -5.19
CA GLU B 171 31.48 -5.98 -4.46
C GLU B 171 31.50 -5.55 -2.99
N ASP B 172 31.70 -6.50 -2.08
CA ASP B 172 31.78 -6.20 -0.65
C ASP B 172 33.15 -5.54 -0.37
N PRO B 173 33.25 -4.53 0.51
CA PRO B 173 32.16 -3.95 1.32
C PRO B 173 31.28 -2.93 0.57
N ALA B 174 29.99 -2.91 0.91
CA ALA B 174 29.03 -1.97 0.34
C ALA B 174 29.22 -0.62 1.07
N GLN B 175 28.96 0.52 0.38
CA GLN B 175 29.09 1.82 1.03
C GLN B 175 27.99 1.99 2.07
N TYR B 176 26.76 1.61 1.72
CA TYR B 176 25.57 1.71 2.59
C TYR B 176 24.82 0.35 2.67
N SER B 177 24.06 0.13 3.76
CA SER B 177 23.31 -1.11 3.92
C SER B 177 22.11 -0.99 4.85
N MET B 178 21.08 -1.81 4.61
CA MET B 178 19.92 -1.92 5.48
C MET B 178 19.73 -3.43 5.66
N ILE B 179 19.92 -3.96 6.87
CA ILE B 179 19.89 -5.41 7.06
C ILE B 179 18.68 -5.91 7.86
N GLY B 180 18.37 -7.18 7.68
CA GLY B 180 17.25 -7.80 8.38
C GLY B 180 15.87 -7.44 7.91
N LEU B 181 15.71 -7.08 6.62
CA LEU B 181 14.41 -6.75 6.04
C LEU B 181 13.55 -8.04 5.85
N LYS B 182 12.28 -8.03 6.30
CA LYS B 182 11.42 -9.21 6.16
C LYS B 182 10.06 -8.80 5.65
N PRO B 183 9.44 -9.62 4.79
CA PRO B 183 8.09 -9.28 4.33
C PRO B 183 7.01 -9.56 5.39
N ARG B 184 6.02 -8.68 5.47
CA ARG B 184 4.86 -8.93 6.31
C ARG B 184 3.68 -9.32 5.34
N ARG B 185 2.50 -9.69 5.88
CA ARG B 185 1.39 -10.16 5.02
C ARG B 185 0.97 -9.14 3.97
N ALA B 186 1.03 -7.81 4.30
CA ALA B 186 0.72 -6.78 3.30
C ALA B 186 1.68 -6.79 2.12
N ASP B 187 2.87 -7.39 2.24
CA ASP B 187 3.84 -7.48 1.13
C ASP B 187 3.55 -8.66 0.17
N LEU B 188 2.58 -9.53 0.49
CA LEU B 188 2.29 -10.68 -0.32
C LEU B 188 1.13 -10.44 -1.28
N ASP B 189 1.16 -11.09 -2.45
CA ASP B 189 0.06 -11.03 -3.40
C ASP B 189 -1.02 -12.08 -3.04
N MET B 190 -2.08 -12.21 -3.86
CA MET B 190 -3.15 -13.17 -3.60
C MET B 190 -2.67 -14.63 -3.60
N ASN B 191 -1.51 -14.92 -4.20
CA ASN B 191 -0.97 -16.30 -4.21
C ASN B 191 0.09 -16.53 -3.14
N GLN B 192 0.22 -15.60 -2.15
CA GLN B 192 1.17 -15.65 -1.03
C GLN B 192 2.65 -15.56 -1.45
N HIS B 193 2.90 -14.96 -2.61
CA HIS B 193 4.25 -14.69 -3.07
C HIS B 193 4.52 -13.23 -2.77
N VAL B 194 5.79 -12.86 -2.53
CA VAL B 194 6.15 -11.48 -2.28
C VAL B 194 5.87 -10.65 -3.56
N ASN B 195 5.15 -9.54 -3.42
CA ASN B 195 4.81 -8.65 -4.51
C ASN B 195 6.10 -8.05 -5.07
N ASN B 196 6.22 -7.94 -6.40
CA ASN B 196 7.42 -7.37 -7.05
C ASN B 196 7.81 -5.96 -6.63
N VAL B 197 6.84 -5.15 -6.21
CA VAL B 197 7.03 -3.77 -5.78
C VAL B 197 7.77 -3.69 -4.44
N THR B 198 7.55 -4.68 -3.55
CA THR B 198 8.26 -4.78 -2.26
C THR B 198 9.79 -4.77 -2.49
N TYR B 199 10.27 -5.49 -3.54
CA TYR B 199 11.73 -5.53 -3.81
C TYR B 199 12.26 -4.15 -4.16
N ILE B 200 11.46 -3.32 -4.85
CA ILE B 200 11.84 -1.94 -5.18
C ILE B 200 12.01 -1.16 -3.87
N GLY B 201 11.06 -1.31 -2.94
CA GLY B 201 11.13 -0.66 -1.64
C GLY B 201 12.35 -1.09 -0.84
N TRP B 202 12.65 -2.39 -0.84
CA TRP B 202 13.82 -2.92 -0.15
C TRP B 202 15.13 -2.38 -0.71
N VAL B 203 15.24 -2.30 -2.06
CA VAL B 203 16.43 -1.72 -2.72
C VAL B 203 16.66 -0.26 -2.24
N LEU B 204 15.57 0.54 -2.24
CA LEU B 204 15.58 1.93 -1.85
C LEU B 204 15.88 2.19 -0.38
N GLU B 205 15.66 1.19 0.51
CA GLU B 205 15.91 1.32 1.93
C GLU B 205 17.40 1.58 2.28
N SER B 206 18.33 1.10 1.43
CA SER B 206 19.75 1.36 1.70
C SER B 206 20.24 2.72 1.10
N ILE B 207 19.38 3.48 0.43
CA ILE B 207 19.75 4.83 -0.03
C ILE B 207 19.68 5.70 1.23
N PRO B 208 20.72 6.51 1.54
CA PRO B 208 20.64 7.36 2.74
C PRO B 208 19.52 8.39 2.64
N GLN B 209 18.90 8.70 3.78
CA GLN B 209 17.80 9.66 3.87
C GLN B 209 18.15 11.05 3.31
N GLU B 210 19.41 11.51 3.48
CA GLU B 210 19.83 12.81 2.94
C GLU B 210 19.69 12.89 1.41
N ILE B 211 20.00 11.79 0.70
CA ILE B 211 19.86 11.73 -0.75
C ILE B 211 18.38 11.82 -1.10
N VAL B 212 17.52 11.09 -0.39
CA VAL B 212 16.08 11.11 -0.63
C VAL B 212 15.52 12.53 -0.38
N ASP B 213 15.98 13.21 0.69
CA ASP B 213 15.55 14.56 1.06
C ASP B 213 16.00 15.67 0.08
N THR B 214 17.10 15.45 -0.67
CA THR B 214 17.65 16.46 -1.59
C THR B 214 17.57 16.10 -3.07
N HIS B 215 17.21 14.84 -3.39
CA HIS B 215 17.14 14.39 -4.77
C HIS B 215 15.81 13.76 -5.12
N GLU B 216 15.49 13.74 -6.40
CA GLU B 216 14.32 13.05 -6.93
C GLU B 216 14.83 11.83 -7.69
N LEU B 217 14.17 10.68 -7.53
CA LEU B 217 14.54 9.47 -8.27
C LEU B 217 14.09 9.63 -9.74
N GLN B 218 15.05 9.64 -10.67
CA GLN B 218 14.75 9.77 -12.09
C GLN B 218 14.58 8.42 -12.81
N VAL B 219 15.50 7.46 -12.57
CA VAL B 219 15.49 6.15 -13.24
C VAL B 219 15.82 5.05 -12.24
N ILE B 220 15.14 3.89 -12.37
CA ILE B 220 15.41 2.67 -11.62
C ILE B 220 15.35 1.46 -12.56
N THR B 221 16.41 0.65 -12.59
CA THR B 221 16.47 -0.59 -13.36
C THR B 221 16.71 -1.70 -12.36
N LEU B 222 15.83 -2.69 -12.34
CA LEU B 222 15.94 -3.80 -11.38
C LEU B 222 15.87 -5.17 -12.06
N ASP B 223 16.89 -6.02 -11.82
CA ASP B 223 16.92 -7.41 -12.28
C ASP B 223 16.38 -8.30 -11.14
N TYR B 224 15.56 -9.30 -11.50
CA TYR B 224 14.96 -10.23 -10.55
C TYR B 224 15.62 -11.61 -10.83
N ARG B 225 16.37 -12.12 -9.89
CA ARG B 225 17.13 -13.38 -10.09
C ARG B 225 16.47 -14.58 -9.43
N ARG B 226 15.90 -14.37 -8.25
CA ARG B 226 15.32 -15.40 -7.41
C ARG B 226 14.28 -14.71 -6.49
N GLU B 227 13.23 -15.44 -6.13
CA GLU B 227 12.19 -14.88 -5.27
C GLU B 227 12.58 -14.92 -3.78
N CYS B 228 12.09 -13.96 -2.99
CA CYS B 228 12.26 -13.97 -1.54
C CYS B 228 11.01 -14.70 -1.03
N GLN B 229 11.21 -15.70 -0.17
CA GLN B 229 10.07 -16.42 0.38
C GLN B 229 9.54 -15.68 1.60
N GLN B 230 8.32 -16.00 2.00
CA GLN B 230 7.61 -15.41 3.13
C GLN B 230 8.43 -15.49 4.44
N ASP B 231 9.21 -16.57 4.63
CA ASP B 231 10.01 -16.72 5.84
C ASP B 231 11.53 -16.36 5.64
N ASP B 232 11.86 -15.69 4.53
CA ASP B 232 13.24 -15.28 4.26
C ASP B 232 13.52 -13.85 4.84
N VAL B 233 14.80 -13.55 5.04
CA VAL B 233 15.29 -12.27 5.56
C VAL B 233 16.29 -11.74 4.54
N VAL B 234 16.20 -10.45 4.21
CA VAL B 234 17.01 -9.84 3.17
C VAL B 234 17.90 -8.71 3.67
N ASP B 235 19.08 -8.55 3.06
CA ASP B 235 19.97 -7.43 3.28
C ASP B 235 20.00 -6.63 1.99
N SER B 236 19.87 -5.31 2.12
CA SER B 236 19.87 -4.36 1.01
C SER B 236 21.20 -3.59 1.00
N LEU B 237 21.95 -3.65 -0.10
CA LEU B 237 23.27 -3.03 -0.19
C LEU B 237 23.33 -2.00 -1.32
N THR B 238 24.02 -0.87 -1.08
CA THR B 238 24.14 0.22 -2.05
C THR B 238 25.54 0.81 -2.05
N THR B 239 26.08 1.15 -3.23
CA THR B 239 27.37 1.84 -3.37
C THR B 239 27.20 2.95 -4.40
N THR B 240 27.70 4.16 -4.11
CA THR B 240 27.63 5.24 -5.08
C THR B 240 28.57 4.93 -6.24
N THR B 241 28.12 5.09 -7.49
CA THR B 241 28.99 4.87 -8.65
C THR B 241 29.30 6.18 -9.41
N SER B 242 28.63 7.30 -9.09
CA SER B 242 28.89 8.57 -9.77
C SER B 242 30.20 9.25 -9.30
N ASP B 260 24.00 14.88 -10.96
CA ASP B 260 23.26 13.64 -10.75
C ASP B 260 24.04 12.65 -9.87
N SER B 261 23.33 11.76 -9.18
CA SER B 261 23.96 10.72 -8.36
C SER B 261 23.46 9.35 -8.87
N GLN B 262 24.39 8.41 -9.06
CA GLN B 262 24.06 7.06 -9.49
C GLN B 262 24.47 6.08 -8.42
N PHE B 263 23.71 5.00 -8.25
CA PHE B 263 24.03 3.98 -7.25
C PHE B 263 23.94 2.59 -7.87
N LEU B 264 24.69 1.67 -7.32
CA LEU B 264 24.62 0.27 -7.70
C LEU B 264 23.98 -0.42 -6.48
N HIS B 265 23.04 -1.34 -6.72
CA HIS B 265 22.29 -1.99 -5.66
C HIS B 265 22.37 -3.50 -5.70
N LEU B 266 22.22 -4.14 -4.53
CA LEU B 266 22.18 -5.59 -4.43
C LEU B 266 21.30 -6.03 -3.27
N LEU B 267 20.30 -6.91 -3.53
CA LEU B 267 19.51 -7.53 -2.48
C LEU B 267 20.00 -8.98 -2.37
N ARG B 268 20.26 -9.46 -1.17
CA ARG B 268 20.67 -10.85 -0.98
C ARG B 268 20.09 -11.42 0.33
N LEU B 269 19.95 -12.75 0.43
CA LEU B 269 19.41 -13.37 1.66
C LEU B 269 20.40 -13.17 2.80
N SER B 270 19.96 -12.69 3.98
CA SER B 270 20.83 -12.38 5.13
C SER B 270 21.72 -13.51 5.58
N GLY B 271 21.26 -14.73 5.38
CA GLY B 271 22.01 -15.90 5.82
C GLY B 271 23.17 -16.24 4.91
N ASP B 272 22.87 -17.05 3.88
CA ASP B 272 23.88 -17.54 2.95
C ASP B 272 24.39 -16.51 1.94
N GLY B 273 23.74 -15.35 1.84
CA GLY B 273 24.19 -14.34 0.89
C GLY B 273 23.78 -14.61 -0.56
N GLN B 274 22.77 -15.46 -0.75
CA GLN B 274 22.23 -15.79 -2.06
C GLN B 274 21.61 -14.55 -2.71
N GLU B 275 22.04 -14.20 -3.94
CA GLU B 275 21.51 -13.04 -4.67
C GLU B 275 20.02 -13.19 -5.05
N ILE B 276 19.19 -12.17 -4.73
CA ILE B 276 17.78 -12.19 -5.13
C ILE B 276 17.53 -11.11 -6.22
N ASN B 277 18.19 -9.94 -6.10
CA ASN B 277 18.07 -8.83 -7.06
C ASN B 277 19.37 -8.05 -7.17
N ARG B 278 19.53 -7.36 -8.29
CA ARG B 278 20.59 -6.38 -8.53
C ARG B 278 19.97 -5.21 -9.32
N GLY B 279 20.44 -3.99 -9.11
CA GLY B 279 19.87 -2.84 -9.81
C GLY B 279 20.72 -1.59 -9.77
N THR B 280 20.25 -0.54 -10.46
CA THR B 280 20.89 0.78 -10.49
C THR B 280 19.80 1.85 -10.38
N THR B 281 20.13 2.96 -9.72
CA THR B 281 19.23 4.11 -9.63
C THR B 281 19.98 5.39 -10.05
N LEU B 282 19.26 6.34 -10.65
CA LEU B 282 19.85 7.62 -11.04
C LEU B 282 18.95 8.70 -10.41
N TRP B 283 19.57 9.61 -9.69
CA TRP B 283 18.84 10.66 -8.96
C TRP B 283 19.29 12.06 -9.41
N ARG B 284 18.33 13.00 -9.52
CA ARG B 284 18.60 14.40 -9.90
C ARG B 284 18.45 15.34 -8.70
N LYS B 285 19.31 16.35 -8.55
CA LYS B 285 19.21 17.32 -7.47
C LYS B 285 17.93 18.13 -7.64
N LYS B 286 17.14 18.31 -6.56
CA LYS B 286 15.89 19.07 -6.61
C LYS B 286 16.14 20.56 -6.94
N1 W17 C . -2.85 7.94 21.26
C4 W17 C . -4.56 8.81 23.40
C5 W17 C . -1.07 9.03 22.13
O W17 C . 1.33 9.75 20.47
C W17 C . 0.47 8.96 20.06
N W17 C . 0.58 8.32 18.91
C1 W17 C . -0.75 8.70 20.82
N2 W17 C . -2.32 8.58 22.37
C2 W17 C . -1.89 8.01 20.36
C3 W17 C . -3.07 8.65 23.60
O1 W17 C . -5.25 8.80 24.63
S SO4 D . -11.34 14.09 13.03
O1 SO4 D . -12.23 13.29 13.89
O2 SO4 D . -11.89 15.45 12.85
O3 SO4 D . -9.99 14.17 13.64
O4 SO4 D . -11.30 13.46 11.69
S SO4 E . -7.31 -9.88 6.65
O1 SO4 E . -6.90 -10.35 7.99
O2 SO4 E . -8.71 -9.46 6.66
O3 SO4 E . -6.41 -8.75 6.35
O4 SO4 E . -7.13 -10.99 5.68
N1 W17 F . 13.70 -13.79 -13.10
C4 W17 F . 15.07 -14.43 -15.50
C5 W17 F . 14.10 -15.78 -12.14
O W17 F . 11.93 -14.74 -9.40
C W17 F . 12.47 -15.57 -10.14
N W17 F . 12.51 -16.87 -9.87
C1 W17 F . 13.13 -15.14 -11.37
N2 W17 F . 14.40 -14.96 -13.17
C2 W17 F . 12.95 -13.91 -12.02
C3 W17 F . 15.39 -15.18 -14.22
O1 W17 F . 15.95 -14.81 -16.54
S SO4 G . 3.07 -10.06 -19.78
O1 SO4 G . 3.40 -11.36 -19.17
O2 SO4 G . 2.79 -9.05 -18.74
O3 SO4 G . 4.15 -9.46 -20.59
O4 SO4 G . 1.83 -10.21 -20.57
S SO4 H . 10.51 7.98 -4.23
O1 SO4 H . 9.58 6.91 -3.84
O2 SO4 H . 10.46 9.10 -3.27
O3 SO4 H . 11.87 7.41 -4.19
O4 SO4 H . 10.22 8.59 -5.55
#